data_3WKF
#
_entry.id   3WKF
#
_cell.length_a   41.946
_cell.length_b   87.487
_cell.length_c   94.006
_cell.angle_alpha   90.00
_cell.angle_beta   90.00
_cell.angle_gamma   90.00
#
_symmetry.space_group_name_H-M   'P 21 21 21'
#
loop_
_entity.id
_entity.type
_entity.pdbx_description
1 polymer 'Cellobiose 2-epimerase'
2 non-polymer 'PHOSPHATE ION'
3 non-polymer 'CHLORIDE ION'
4 water water
#
_entity_poly.entity_id   1
_entity_poly.type   'polypeptide(L)'
_entity_poly.pdbx_seq_one_letter_code
;MSTETIPDVRRLRALQAEVHEELTENILKFWATRTHDPVHGGFVGRVGPDGRPHPEAPRGAILNARILWTFAAAYRQLGT
PLYREMAERAYRYFVRHFVDAEHGGVYWMVAADGRPLDTRKHVYAQSFAIYALSEWHRATGGEAALALARSIYDLIETHC
ADRVHGGYVEACDRAWRPLEDARLSAKDAPEPRSMNTHLHVLEAYANLYRVWPETELAARLQALIELFLRAIYHPATGHL
ILFFDERWRPRSRAVSFGHDIEASWLLLEAVDVLGQATLRPRVQQASLHLARATLAEGRAPDGSLYYEIGEQGHLDTDRH
WWPQAEALVGFLNAYQESGEVLFYEAAEDVWRYIRERQRDTRGGEWFARVRDDGAPYPDDKVDFWKGPYHNGRACLEAIQ
RLRHLLEHVRSR
;
_entity_poly.pdbx_strand_id   A
#
# COMPACT_ATOMS: atom_id res chain seq x y z
N THR A 3 -7.11 -32.11 8.64
CA THR A 3 -7.19 -31.59 10.00
C THR A 3 -7.21 -30.07 10.00
N GLU A 4 -7.65 -29.51 8.87
CA GLU A 4 -7.89 -28.08 8.78
C GLU A 4 -9.05 -27.71 9.66
N THR A 5 -8.94 -26.56 10.31
CA THR A 5 -10.12 -25.95 10.90
C THR A 5 -10.48 -24.81 9.96
N ILE A 6 -11.58 -24.97 9.23
CA ILE A 6 -11.92 -23.99 8.21
C ILE A 6 -13.38 -23.57 8.37
N PRO A 7 -13.64 -22.25 8.28
CA PRO A 7 -15.01 -21.76 8.33
C PRO A 7 -15.87 -22.45 7.29
N ASP A 8 -17.13 -22.64 7.60
CA ASP A 8 -18.00 -23.32 6.65
C ASP A 8 -18.19 -22.51 5.38
N VAL A 9 -18.66 -23.19 4.36
CA VAL A 9 -18.82 -22.58 3.06
C VAL A 9 -19.73 -21.35 3.10
N ARG A 10 -20.80 -21.41 3.89
CA ARG A 10 -21.76 -20.31 3.98
C ARG A 10 -21.05 -19.04 4.44
N ARG A 11 -20.27 -19.17 5.50
CA ARG A 11 -19.54 -18.02 6.04
C ARG A 11 -18.49 -17.45 5.09
N LEU A 12 -17.71 -18.32 4.46
CA LEU A 12 -16.70 -17.89 3.51
C LEU A 12 -17.35 -17.15 2.35
N ARG A 13 -18.40 -17.74 1.78
CA ARG A 13 -19.12 -17.12 0.67
C ARG A 13 -19.79 -15.81 1.07
N ALA A 14 -20.33 -15.77 2.29
CA ALA A 14 -21.03 -14.56 2.74
C ALA A 14 -20.05 -13.41 2.87
N LEU A 15 -18.89 -13.68 3.45
CA LEU A 15 -17.86 -12.68 3.59
C LEU A 15 -17.39 -12.24 2.20
N GLN A 16 -17.12 -13.20 1.32
CA GLN A 16 -16.64 -12.86 -0.02
C GLN A 16 -17.64 -11.97 -0.74
N ALA A 17 -18.92 -12.29 -0.61
CA ALA A 17 -19.97 -11.50 -1.26
C ALA A 17 -20.01 -10.07 -0.72
N GLU A 18 -19.88 -9.94 0.60
CA GLU A 18 -19.91 -8.62 1.23
C GLU A 18 -18.71 -7.78 0.79
N VAL A 19 -17.54 -8.42 0.70
CA VAL A 19 -16.33 -7.72 0.32
C VAL A 19 -16.44 -7.27 -1.14
N HIS A 20 -16.98 -8.14 -2.00
CA HIS A 20 -17.16 -7.78 -3.40
C HIS A 20 -18.14 -6.61 -3.56
N GLU A 21 -19.21 -6.62 -2.77
CA GLU A 21 -20.21 -5.56 -2.82
C GLU A 21 -19.58 -4.26 -2.36
N GLU A 22 -18.79 -4.34 -1.30
CA GLU A 22 -18.14 -3.15 -0.77
C GLU A 22 -17.23 -2.56 -1.81
N LEU A 23 -16.43 -3.41 -2.45
CA LEU A 23 -15.49 -2.94 -3.45
C LEU A 23 -16.18 -2.30 -4.65
N THR A 24 -17.19 -2.98 -5.20
CA THR A 24 -17.76 -2.56 -6.47
C THR A 24 -18.88 -1.54 -6.33
N GLU A 25 -19.65 -1.64 -5.26
CA GLU A 25 -20.80 -0.75 -5.10
C GLU A 25 -20.52 0.44 -4.18
N ASN A 26 -19.46 0.36 -3.40
CA ASN A 26 -19.06 1.53 -2.62
C ASN A 26 -17.77 2.14 -3.12
N ILE A 27 -16.66 1.43 -2.94
CA ILE A 27 -15.33 2.01 -3.19
C ILE A 27 -15.09 2.40 -4.65
N LEU A 28 -15.16 1.45 -5.58
CA LEU A 28 -14.85 1.80 -6.96
C LEU A 28 -15.92 2.68 -7.59
N LYS A 29 -17.15 2.59 -7.10
CA LYS A 29 -18.22 3.46 -7.56
C LYS A 29 -17.93 4.91 -7.21
N PHE A 30 -17.53 5.14 -5.96
CA PHE A 30 -17.12 6.48 -5.54
C PHE A 30 -16.00 7.03 -6.41
N TRP A 31 -14.96 6.22 -6.63
CA TRP A 31 -13.80 6.71 -7.35
C TRP A 31 -14.10 6.98 -8.81
N ALA A 32 -14.93 6.12 -9.43
CA ALA A 32 -15.26 6.32 -10.84
C ALA A 32 -16.22 7.47 -11.11
N THR A 33 -17.04 7.83 -10.12
CA THR A 33 -18.07 8.85 -10.34
C THR A 33 -17.71 10.21 -9.74
N ARG A 34 -17.03 10.20 -8.59
CA ARG A 34 -16.75 11.46 -7.87
C ARG A 34 -15.44 12.12 -8.26
N THR A 35 -14.48 11.33 -8.71
CA THR A 35 -13.11 11.87 -8.77
C THR A 35 -12.54 12.21 -10.15
N HIS A 36 -13.07 11.65 -11.23
CA HIS A 36 -12.61 12.03 -12.57
C HIS A 36 -12.75 13.55 -12.76
N ASP A 37 -11.75 14.18 -13.37
CA ASP A 37 -11.85 15.62 -13.63
C ASP A 37 -11.93 15.92 -15.12
N PRO A 38 -13.06 16.47 -15.57
CA PRO A 38 -13.13 16.77 -17.00
C PRO A 38 -12.55 18.13 -17.38
N VAL A 39 -12.07 18.92 -16.41
CA VAL A 39 -11.39 20.18 -16.77
C VAL A 39 -9.94 19.94 -17.17
N HIS A 40 -9.17 19.33 -16.27
CA HIS A 40 -7.75 19.10 -16.54
C HIS A 40 -7.41 17.68 -16.97
N GLY A 41 -8.44 16.84 -17.07
CA GLY A 41 -8.23 15.43 -17.35
C GLY A 41 -7.81 14.75 -16.06
N GLY A 42 -7.62 13.44 -16.11
CA GLY A 42 -7.19 12.71 -14.93
C GLY A 42 -8.19 12.75 -13.79
N PHE A 43 -7.66 12.89 -12.58
CA PHE A 43 -8.47 12.78 -11.36
C PHE A 43 -8.18 13.94 -10.41
N VAL A 44 -9.18 14.36 -9.64
CA VAL A 44 -8.96 15.45 -8.69
C VAL A 44 -7.99 15.07 -7.57
N GLY A 45 -7.29 16.07 -7.03
CA GLY A 45 -6.29 15.84 -6.00
C GLY A 45 -6.86 15.81 -4.60
N ARG A 46 -8.10 16.24 -4.46
CA ARG A 46 -8.74 16.35 -3.15
C ARG A 46 -10.26 16.28 -3.27
N VAL A 47 -10.87 15.60 -2.32
CA VAL A 47 -12.32 15.63 -2.15
C VAL A 47 -12.54 15.90 -0.68
N GLY A 48 -13.30 16.95 -0.38
CA GLY A 48 -13.46 17.35 1.01
C GLY A 48 -14.37 16.42 1.80
N PRO A 49 -14.54 16.71 3.10
CA PRO A 49 -15.35 15.84 3.95
C PRO A 49 -16.82 15.85 3.55
N ASP A 50 -17.25 16.92 2.90
CA ASP A 50 -18.64 17.03 2.43
C ASP A 50 -18.84 16.37 1.07
N GLY A 51 -17.79 15.76 0.55
CA GLY A 51 -17.88 15.07 -0.73
C GLY A 51 -17.63 15.93 -1.95
N ARG A 52 -17.28 17.20 -1.76
CA ARG A 52 -17.07 18.08 -2.90
C ARG A 52 -15.67 17.89 -3.49
N PRO A 53 -15.59 17.64 -4.80
CA PRO A 53 -14.27 17.47 -5.45
C PRO A 53 -13.60 18.81 -5.70
N HIS A 54 -12.27 18.83 -5.68
CA HIS A 54 -11.52 20.05 -5.91
C HIS A 54 -10.59 19.92 -7.08
N PRO A 55 -11.12 20.17 -8.29
CA PRO A 55 -10.31 19.90 -9.49
C PRO A 55 -9.16 20.87 -9.66
N GLU A 56 -9.09 21.93 -8.85
CA GLU A 56 -7.97 22.86 -8.95
C GLU A 56 -6.85 22.61 -7.93
N ALA A 57 -7.09 21.67 -7.01
CA ALA A 57 -6.07 21.33 -6.01
C ALA A 57 -4.85 20.70 -6.66
N PRO A 58 -3.66 20.93 -6.06
CA PRO A 58 -2.45 20.23 -6.52
C PRO A 58 -2.63 18.72 -6.43
N ARG A 59 -1.93 17.98 -7.28
CA ARG A 59 -2.15 16.53 -7.39
C ARG A 59 -0.86 15.79 -7.13
N GLY A 60 -0.93 14.79 -6.24
CA GLY A 60 0.25 14.03 -5.88
C GLY A 60 0.48 12.81 -6.74
N ALA A 61 1.75 12.49 -6.97
CA ALA A 61 2.12 11.34 -7.79
C ALA A 61 1.68 10.03 -7.13
N ILE A 62 1.79 9.98 -5.81
CA ILE A 62 1.43 8.77 -5.08
C ILE A 62 -0.06 8.51 -5.25
N LEU A 63 -0.88 9.54 -5.09
CA LEU A 63 -2.33 9.37 -5.24
C LEU A 63 -2.66 8.88 -6.64
N ASN A 64 -2.05 9.50 -7.64
CA ASN A 64 -2.34 9.13 -9.01
C ASN A 64 -1.86 7.75 -9.40
N ALA A 65 -0.70 7.35 -8.88
CA ALA A 65 -0.21 5.98 -9.07
C ALA A 65 -1.17 5.00 -8.40
N ARG A 66 -1.72 5.39 -7.25
CA ARG A 66 -2.62 4.51 -6.53
C ARG A 66 -3.93 4.31 -7.27
N ILE A 67 -4.40 5.36 -7.93
CA ILE A 67 -5.61 5.26 -8.73
C ILE A 67 -5.37 4.32 -9.92
N LEU A 68 -4.24 4.52 -10.61
CA LEU A 68 -3.84 3.63 -11.71
C LEU A 68 -3.78 2.19 -11.23
N TRP A 69 -3.08 1.95 -10.12
CA TRP A 69 -2.90 0.59 -9.65
C TRP A 69 -4.24 -0.07 -9.36
N THR A 70 -5.10 0.64 -8.63
CA THR A 70 -6.37 0.05 -8.19
C THR A 70 -7.30 -0.32 -9.34
N PHE A 71 -7.50 0.61 -10.27
CA PHE A 71 -8.34 0.29 -11.41
C PHE A 71 -7.73 -0.78 -12.31
N ALA A 72 -6.41 -0.77 -12.46
CA ALA A 72 -5.73 -1.81 -13.25
C ALA A 72 -5.96 -3.17 -12.63
N ALA A 73 -5.78 -3.24 -11.31
CA ALA A 73 -5.89 -4.51 -10.61
C ALA A 73 -7.33 -4.97 -10.62
N ALA A 74 -8.26 -4.02 -10.49
CA ALA A 74 -9.68 -4.37 -10.48
C ALA A 74 -10.10 -4.88 -11.85
N TYR A 75 -9.60 -4.23 -12.90
CA TYR A 75 -9.90 -4.69 -14.25
C TYR A 75 -9.33 -6.09 -14.49
N ARG A 76 -8.09 -6.30 -14.09
CA ARG A 76 -7.47 -7.61 -14.25
C ARG A 76 -8.27 -8.71 -13.57
N GLN A 77 -8.74 -8.45 -12.36
CA GLN A 77 -9.38 -9.47 -11.53
C GLN A 77 -10.88 -9.62 -11.84
N LEU A 78 -11.53 -8.51 -12.19
CA LEU A 78 -12.98 -8.54 -12.31
C LEU A 78 -13.49 -8.35 -13.75
N GLY A 79 -12.66 -7.76 -14.61
CA GLY A 79 -13.01 -7.66 -16.02
C GLY A 79 -13.88 -6.49 -16.45
N THR A 80 -14.43 -5.76 -15.49
CA THR A 80 -15.38 -4.70 -15.78
C THR A 80 -14.78 -3.59 -16.66
N PRO A 81 -15.36 -3.35 -17.85
CA PRO A 81 -14.74 -2.41 -18.78
C PRO A 81 -14.54 -0.99 -18.20
N LEU A 82 -15.46 -0.52 -17.37
CA LEU A 82 -15.30 0.78 -16.70
C LEU A 82 -13.95 0.89 -15.97
N TYR A 83 -13.49 -0.22 -15.38
CA TYR A 83 -12.23 -0.15 -14.63
C TYR A 83 -11.04 0.04 -15.56
N ARG A 84 -11.10 -0.57 -16.74
CA ARG A 84 -10.04 -0.35 -17.71
C ARG A 84 -10.06 1.09 -18.19
N GLU A 85 -11.26 1.64 -18.40
CA GLU A 85 -11.43 3.02 -18.83
C GLU A 85 -10.81 3.97 -17.82
N MET A 86 -11.08 3.73 -16.54
CA MET A 86 -10.58 4.58 -15.46
C MET A 86 -9.07 4.44 -15.30
N ALA A 87 -8.55 3.23 -15.45
CA ALA A 87 -7.11 3.01 -15.39
C ALA A 87 -6.39 3.74 -16.52
N GLU A 88 -6.95 3.66 -17.73
CA GLU A 88 -6.37 4.34 -18.88
C GLU A 88 -6.36 5.86 -18.64
N ARG A 89 -7.43 6.38 -18.05
CA ARG A 89 -7.50 7.80 -17.73
C ARG A 89 -6.36 8.20 -16.80
N ALA A 90 -6.11 7.38 -15.79
CA ALA A 90 -5.06 7.68 -14.84
C ALA A 90 -3.70 7.57 -15.51
N TYR A 91 -3.51 6.50 -16.29
CA TYR A 91 -2.25 6.27 -16.99
C TYR A 91 -1.91 7.43 -17.91
N ARG A 92 -2.87 7.91 -18.69
CA ARG A 92 -2.56 8.98 -19.64
C ARG A 92 -2.11 10.25 -18.94
N TYR A 93 -2.83 10.66 -17.91
CA TYR A 93 -2.44 11.86 -17.17
C TYR A 93 -1.07 11.67 -16.52
N PHE A 94 -0.84 10.49 -15.98
CA PHE A 94 0.42 10.18 -15.28
C PHE A 94 1.64 10.34 -16.19
N VAL A 95 1.59 9.74 -17.39
CA VAL A 95 2.71 9.80 -18.32
C VAL A 95 2.92 11.20 -18.87
N ARG A 96 1.82 11.89 -19.13
CA ARG A 96 1.85 13.27 -19.61
C ARG A 96 2.51 14.24 -18.64
N HIS A 97 2.15 14.14 -17.36
CA HIS A 97 2.49 15.17 -16.39
C HIS A 97 3.42 14.77 -15.25
N PHE A 98 3.28 13.55 -14.74
CA PHE A 98 4.12 13.14 -13.61
C PHE A 98 5.48 12.63 -14.04
N VAL A 99 5.54 12.02 -15.21
CA VAL A 99 6.82 11.52 -15.72
C VAL A 99 7.71 12.65 -16.26
N ASP A 100 8.91 12.74 -15.70
CA ASP A 100 9.92 13.72 -16.11
C ASP A 100 10.62 13.12 -17.32
N ALA A 101 10.34 13.63 -18.51
CA ALA A 101 10.90 13.08 -19.72
C ALA A 101 12.39 13.42 -19.86
N GLU A 102 12.85 14.42 -19.14
CA GLU A 102 14.25 14.86 -19.25
C GLU A 102 15.19 14.14 -18.29
N HIS A 103 14.85 14.06 -17.01
CA HIS A 103 15.71 13.41 -16.03
C HIS A 103 15.22 12.03 -15.61
N GLY A 104 14.00 11.68 -16.01
CA GLY A 104 13.46 10.38 -15.69
C GLY A 104 12.74 10.37 -14.35
N GLY A 105 11.98 9.32 -14.07
CA GLY A 105 11.26 9.25 -12.81
C GLY A 105 10.03 10.14 -12.76
N VAL A 106 9.40 10.23 -11.59
CA VAL A 106 8.17 11.02 -11.47
C VAL A 106 8.27 12.13 -10.45
N TYR A 107 7.67 13.28 -10.78
CA TYR A 107 7.62 14.41 -9.86
C TYR A 107 6.76 14.07 -8.65
N TRP A 108 6.96 14.79 -7.56
CA TRP A 108 6.21 14.57 -6.34
C TRP A 108 4.78 15.13 -6.44
N MET A 109 4.67 16.33 -7.01
CA MET A 109 3.40 17.02 -7.06
C MET A 109 3.33 17.91 -8.29
N VAL A 110 2.17 17.93 -8.94
CA VAL A 110 1.96 18.84 -10.07
C VAL A 110 0.74 19.69 -9.80
N ALA A 111 0.65 20.84 -10.47
CA ALA A 111 -0.57 21.64 -10.38
C ALA A 111 -1.65 20.86 -11.11
N ALA A 112 -2.92 21.21 -10.86
CA ALA A 112 -4.03 20.53 -11.52
C ALA A 112 -3.88 20.45 -13.04
N ASP A 113 -3.33 21.52 -13.63
CA ASP A 113 -3.17 21.56 -15.08
C ASP A 113 -1.93 20.79 -15.57
N GLY A 114 -1.20 20.20 -14.64
CA GLY A 114 -0.10 19.31 -15.03
C GLY A 114 1.28 19.90 -14.84
N ARG A 115 1.37 21.21 -14.62
CA ARG A 115 2.66 21.87 -14.43
C ARG A 115 3.33 21.40 -13.15
N PRO A 116 4.63 21.03 -13.23
CA PRO A 116 5.36 20.60 -12.03
C PRO A 116 5.36 21.67 -10.95
N LEU A 117 5.02 21.27 -9.72
CA LEU A 117 5.07 22.17 -8.56
C LEU A 117 6.19 21.78 -7.61
N ASP A 118 6.30 20.48 -7.33
CA ASP A 118 7.36 19.97 -6.47
C ASP A 118 8.05 18.89 -7.27
N THR A 119 9.28 19.16 -7.70
CA THR A 119 9.96 18.30 -8.65
C THR A 119 10.91 17.30 -8.01
N ARG A 120 10.89 17.19 -6.68
CA ARG A 120 11.75 16.20 -6.03
C ARG A 120 11.41 14.80 -6.51
N LYS A 121 12.44 13.95 -6.54
CA LYS A 121 12.30 12.56 -6.91
C LYS A 121 12.41 11.74 -5.64
N HIS A 122 11.27 11.47 -5.01
CA HIS A 122 11.25 10.67 -3.79
C HIS A 122 11.12 9.19 -4.11
N VAL A 123 11.96 8.36 -3.49
CA VAL A 123 11.98 6.94 -3.80
C VAL A 123 10.61 6.30 -3.52
N TYR A 124 9.85 6.87 -2.59
CA TYR A 124 8.54 6.34 -2.25
C TYR A 124 7.60 6.55 -3.44
N ALA A 125 7.70 7.71 -4.06
CA ALA A 125 6.88 7.98 -5.24
C ALA A 125 7.38 7.19 -6.45
N GLN A 126 8.70 7.05 -6.59
CA GLN A 126 9.23 6.24 -7.69
C GLN A 126 8.75 4.80 -7.58
N SER A 127 8.68 4.30 -6.35
CA SER A 127 8.22 2.93 -6.11
C SER A 127 6.77 2.77 -6.49
N PHE A 128 5.91 3.70 -6.07
CA PHE A 128 4.51 3.59 -6.44
C PHE A 128 4.31 3.69 -7.94
N ALA A 129 5.16 4.44 -8.63
CA ALA A 129 5.10 4.51 -10.08
C ALA A 129 5.40 3.13 -10.67
N ILE A 130 6.49 2.51 -10.20
CA ILE A 130 6.83 1.15 -10.65
C ILE A 130 5.70 0.17 -10.37
N TYR A 131 5.15 0.22 -9.15
CA TYR A 131 4.08 -0.67 -8.73
C TYR A 131 2.85 -0.55 -9.66
N ALA A 132 2.43 0.68 -9.92
CA ALA A 132 1.25 0.93 -10.74
C ALA A 132 1.47 0.60 -12.22
N LEU A 133 2.62 1.02 -12.75
CA LEU A 133 2.94 0.75 -14.15
C LEU A 133 3.07 -0.75 -14.43
N SER A 134 3.65 -1.49 -13.48
CA SER A 134 3.78 -2.94 -13.66
C SER A 134 2.40 -3.61 -13.61
N GLU A 135 1.51 -3.11 -12.77
CA GLU A 135 0.17 -3.66 -12.71
C GLU A 135 -0.62 -3.37 -13.97
N TRP A 136 -0.46 -2.16 -14.51
CA TRP A 136 -1.13 -1.80 -15.76
C TRP A 136 -0.59 -2.70 -16.86
N HIS A 137 0.70 -3.00 -16.84
CA HIS A 137 1.25 -3.95 -17.81
C HIS A 137 0.64 -5.33 -17.64
N ARG A 138 0.50 -5.75 -16.40
CA ARG A 138 -0.07 -7.05 -16.08
C ARG A 138 -1.51 -7.14 -16.56
N ALA A 139 -2.23 -6.02 -16.54
CA ALA A 139 -3.63 -6.02 -16.95
C ALA A 139 -3.81 -5.95 -18.46
N THR A 140 -2.87 -5.32 -19.17
CA THR A 140 -3.07 -4.98 -20.58
C THR A 140 -1.99 -5.48 -21.53
N GLY A 141 -0.83 -5.83 -20.99
CA GLY A 141 0.30 -6.21 -21.82
C GLY A 141 0.99 -5.02 -22.43
N GLY A 142 0.62 -3.81 -22.01
CA GLY A 142 1.17 -2.59 -22.54
C GLY A 142 2.68 -2.49 -22.43
N GLU A 143 3.34 -2.38 -23.58
CA GLU A 143 4.79 -2.39 -23.63
C GLU A 143 5.41 -1.13 -23.01
N ALA A 144 4.83 0.03 -23.32
CA ALA A 144 5.36 1.30 -22.83
C ALA A 144 5.32 1.42 -21.32
N ALA A 145 4.27 0.87 -20.71
CA ALA A 145 4.13 0.87 -19.25
C ALA A 145 5.29 0.10 -18.61
N LEU A 146 5.62 -1.06 -19.16
CA LEU A 146 6.71 -1.87 -18.61
C LEU A 146 8.06 -1.21 -18.83
N ALA A 147 8.25 -0.61 -19.99
CA ALA A 147 9.49 0.09 -20.28
C ALA A 147 9.71 1.24 -19.31
N LEU A 148 8.62 1.93 -18.96
CA LEU A 148 8.71 3.06 -18.06
C LEU A 148 9.05 2.57 -16.65
N ALA A 149 8.42 1.48 -16.24
CA ALA A 149 8.71 0.92 -14.93
C ALA A 149 10.17 0.49 -14.85
N ARG A 150 10.66 -0.15 -15.91
CA ARG A 150 12.07 -0.56 -15.93
C ARG A 150 13.02 0.64 -15.82
N SER A 151 12.69 1.74 -16.50
CA SER A 151 13.56 2.92 -16.46
C SER A 151 13.63 3.53 -15.07
N ILE A 152 12.51 3.50 -14.34
CA ILE A 152 12.47 4.07 -12.99
C ILE A 152 13.27 3.20 -12.00
N TYR A 153 13.13 1.89 -12.14
CA TYR A 153 13.95 0.94 -11.39
C TYR A 153 15.43 1.23 -11.59
N ASP A 154 15.83 1.43 -12.85
CA ASP A 154 17.23 1.72 -13.16
C ASP A 154 17.71 3.02 -12.50
N LEU A 155 16.84 4.02 -12.45
CA LEU A 155 17.19 5.29 -11.81
C LEU A 155 17.33 5.17 -10.30
N ILE A 156 16.46 4.39 -9.67
CA ILE A 156 16.57 4.18 -8.23
C ILE A 156 17.90 3.50 -7.91
N GLU A 157 18.25 2.49 -8.69
CA GLU A 157 19.48 1.74 -8.41
C GLU A 157 20.72 2.59 -8.70
N THR A 158 20.64 3.42 -9.74
CA THR A 158 21.76 4.27 -10.15
C THR A 158 22.03 5.40 -9.16
N HIS A 159 20.99 6.11 -8.74
CA HIS A 159 21.16 7.31 -7.94
C HIS A 159 20.91 7.17 -6.43
N CYS A 160 20.31 6.06 -6.00
CA CYS A 160 19.82 5.97 -4.62
C CYS A 160 20.36 4.80 -3.79
N ALA A 161 20.78 3.75 -4.46
CA ALA A 161 21.21 2.54 -3.76
C ALA A 161 22.42 2.79 -2.87
N ASP A 162 22.32 2.38 -1.61
CA ASP A 162 23.46 2.41 -0.71
C ASP A 162 24.08 1.01 -0.73
N ARG A 163 25.21 0.88 -1.40
CA ARG A 163 25.76 -0.45 -1.61
C ARG A 163 26.58 -0.93 -0.43
N VAL A 164 27.07 -0.01 0.39
CA VAL A 164 27.82 -0.39 1.57
C VAL A 164 26.89 -1.00 2.62
N HIS A 165 25.82 -0.29 2.94
CA HIS A 165 25.00 -0.61 4.10
C HIS A 165 23.65 -1.28 3.79
N GLY A 166 23.25 -1.25 2.52
CA GLY A 166 22.00 -1.86 2.12
C GLY A 166 20.93 -0.79 2.04
N GLY A 167 19.88 -1.04 1.26
CA GLY A 167 18.80 -0.08 1.15
C GLY A 167 19.14 1.12 0.29
N TYR A 168 18.46 2.23 0.56
CA TYR A 168 18.40 3.36 -0.37
C TYR A 168 18.36 4.71 0.32
N VAL A 169 19.06 5.67 -0.26
CA VAL A 169 18.82 7.09 -0.02
C VAL A 169 17.39 7.31 -0.51
N GLU A 170 16.59 8.04 0.23
CA GLU A 170 15.14 8.04 -0.03
C GLU A 170 14.58 9.21 -0.83
N ALA A 171 15.35 10.28 -0.97
CA ALA A 171 14.88 11.44 -1.71
C ALA A 171 16.01 12.16 -2.42
N CYS A 172 15.75 12.58 -3.65
CA CYS A 172 16.71 13.35 -4.45
C CYS A 172 16.00 14.56 -5.01
N ASP A 173 16.73 15.53 -5.55
CA ASP A 173 16.04 16.59 -6.27
C ASP A 173 15.68 16.11 -7.66
N ARG A 174 15.13 17.01 -8.45
CA ARG A 174 14.70 16.69 -9.80
C ARG A 174 15.76 16.03 -10.65
N ALA A 175 17.00 16.48 -10.50
CA ALA A 175 18.11 15.96 -11.29
C ALA A 175 18.85 14.82 -10.56
N TRP A 176 18.18 14.22 -9.59
CA TRP A 176 18.65 13.02 -8.89
C TRP A 176 19.81 13.23 -7.92
N ARG A 177 20.00 14.46 -7.47
CA ARG A 177 20.98 14.74 -6.42
C ARG A 177 20.35 14.59 -5.03
N PRO A 178 20.97 13.79 -4.16
CA PRO A 178 20.37 13.45 -2.86
C PRO A 178 20.05 14.68 -2.00
N LEU A 179 18.91 14.61 -1.31
CA LEU A 179 18.52 15.65 -0.36
C LEU A 179 18.74 15.12 1.04
N GLU A 180 18.78 16.02 2.01
CA GLU A 180 18.95 15.65 3.41
C GLU A 180 17.62 15.27 4.03
N ASP A 181 16.57 16.01 3.64
CA ASP A 181 15.23 15.82 4.20
C ASP A 181 14.41 14.85 3.34
N ALA A 182 14.33 13.61 3.79
CA ALA A 182 13.60 12.57 3.07
C ALA A 182 12.24 12.29 3.67
N ARG A 183 11.78 13.16 4.59
CA ARG A 183 10.46 12.96 5.20
C ARG A 183 9.34 12.96 4.16
N LEU A 184 8.42 12.01 4.27
CA LEU A 184 7.26 11.97 3.41
C LEU A 184 6.24 13.03 3.84
N SER A 185 6.21 13.31 5.14
CA SER A 185 5.30 14.31 5.69
C SER A 185 5.82 14.80 7.02
N ALA A 186 5.13 15.77 7.61
CA ALA A 186 5.54 16.35 8.89
C ALA A 186 5.54 15.36 10.06
N LYS A 187 4.73 14.30 9.97
CA LYS A 187 4.67 13.26 10.99
C LYS A 187 6.01 12.54 11.12
N ASP A 188 6.74 12.47 10.01
CA ASP A 188 7.88 11.55 9.93
C ASP A 188 9.15 12.10 10.58
N ALA A 189 9.92 11.19 11.20
CA ALA A 189 11.19 11.56 11.80
C ALA A 189 12.20 12.00 10.73
N PRO A 190 13.00 13.03 11.03
CA PRO A 190 14.04 13.48 10.10
C PRO A 190 15.28 12.58 10.19
N GLU A 191 15.14 11.37 9.68
CA GLU A 191 16.22 10.37 9.70
C GLU A 191 16.46 9.91 8.28
N PRO A 192 17.67 9.40 7.98
CA PRO A 192 17.97 9.09 6.58
C PRO A 192 17.33 7.80 6.05
N ARG A 193 16.87 6.91 6.92
CA ARG A 193 16.25 5.66 6.46
C ARG A 193 14.94 5.43 7.16
N SER A 194 13.93 4.97 6.40
CA SER A 194 12.63 4.69 6.99
C SER A 194 12.13 3.33 6.53
N MET A 195 11.46 2.63 7.44
CA MET A 195 10.84 1.37 7.09
C MET A 195 9.83 1.58 5.97
N ASN A 196 9.03 2.65 6.08
CA ASN A 196 7.91 2.90 5.15
C ASN A 196 8.36 2.96 3.70
N THR A 197 9.41 3.70 3.43
CA THR A 197 9.87 3.82 2.06
C THR A 197 10.45 2.49 1.58
N HIS A 198 11.20 1.82 2.44
CA HIS A 198 11.78 0.54 2.06
C HIS A 198 10.73 -0.56 1.85
N LEU A 199 9.63 -0.49 2.60
CA LEU A 199 8.55 -1.46 2.43
C LEU A 199 7.95 -1.31 1.03
N HIS A 200 7.81 -0.07 0.57
CA HIS A 200 7.20 0.13 -0.73
C HIS A 200 8.16 -0.04 -1.91
N VAL A 201 9.47 0.07 -1.66
CA VAL A 201 10.41 -0.39 -2.68
C VAL A 201 10.24 -1.88 -2.86
N LEU A 202 10.16 -2.60 -1.74
CA LEU A 202 9.96 -4.05 -1.81
C LEU A 202 8.70 -4.41 -2.58
N GLU A 203 7.60 -3.76 -2.22
CA GLU A 203 6.30 -3.98 -2.85
C GLU A 203 6.39 -3.74 -4.37
N ALA A 204 7.04 -2.66 -4.75
CA ALA A 204 7.19 -2.29 -6.16
C ALA A 204 8.06 -3.29 -6.89
N TYR A 205 9.19 -3.64 -6.31
CA TYR A 205 10.12 -4.57 -6.96
C TYR A 205 9.51 -5.96 -7.15
N ALA A 206 8.70 -6.39 -6.20
CA ALA A 206 8.02 -7.68 -6.30
C ALA A 206 7.01 -7.68 -7.46
N ASN A 207 6.26 -6.61 -7.61
CA ASN A 207 5.33 -6.52 -8.73
C ASN A 207 6.05 -6.42 -10.06
N LEU A 208 7.16 -5.69 -10.11
CA LEU A 208 7.95 -5.60 -11.33
C LEU A 208 8.53 -6.96 -11.71
N TYR A 209 9.08 -7.68 -10.71
CA TYR A 209 9.69 -8.98 -10.97
C TYR A 209 8.67 -9.96 -11.53
N ARG A 210 7.43 -9.83 -11.08
CA ARG A 210 6.37 -10.73 -11.53
C ARG A 210 6.15 -10.66 -13.04
N VAL A 211 6.34 -9.47 -13.62
CA VAL A 211 6.14 -9.31 -15.06
C VAL A 211 7.46 -9.16 -15.84
N TRP A 212 8.56 -9.08 -15.11
CA TRP A 212 9.88 -8.90 -15.71
C TRP A 212 10.94 -9.54 -14.80
N PRO A 213 11.10 -10.86 -14.91
CA PRO A 213 11.93 -11.60 -13.94
C PRO A 213 13.44 -11.50 -14.21
N GLU A 214 13.95 -10.28 -14.18
CA GLU A 214 15.36 -10.02 -14.45
C GLU A 214 16.24 -10.51 -13.29
N THR A 215 17.36 -11.16 -13.63
CA THR A 215 18.28 -11.72 -12.63
C THR A 215 18.78 -10.72 -11.61
N GLU A 216 19.21 -9.55 -12.07
CA GLU A 216 19.70 -8.52 -11.16
C GLU A 216 18.57 -8.02 -10.25
N LEU A 217 17.37 -7.88 -10.80
CA LEU A 217 16.23 -7.45 -9.98
C LEU A 217 15.95 -8.46 -8.87
N ALA A 218 16.06 -9.75 -9.18
CA ALA A 218 15.87 -10.78 -8.18
C ALA A 218 16.84 -10.61 -7.02
N ALA A 219 18.09 -10.27 -7.33
CA ALA A 219 19.08 -10.03 -6.29
C ALA A 219 18.76 -8.79 -5.45
N ARG A 220 18.28 -7.74 -6.09
CA ARG A 220 17.92 -6.51 -5.37
C ARG A 220 16.72 -6.76 -4.48
N LEU A 221 15.77 -7.57 -4.95
CA LEU A 221 14.57 -7.86 -4.16
C LEU A 221 14.94 -8.74 -2.97
N GLN A 222 15.75 -9.77 -3.22
CA GLN A 222 16.22 -10.61 -2.13
C GLN A 222 17.00 -9.80 -1.10
N ALA A 223 17.83 -8.87 -1.55
CA ALA A 223 18.60 -8.05 -0.61
C ALA A 223 17.65 -7.25 0.28
N LEU A 224 16.56 -6.76 -0.29
CA LEU A 224 15.55 -6.03 0.49
C LEU A 224 14.84 -6.93 1.50
N ILE A 225 14.48 -8.15 1.11
CA ILE A 225 13.87 -9.08 2.04
C ILE A 225 14.84 -9.34 3.17
N GLU A 226 16.11 -9.57 2.83
CA GLU A 226 17.12 -9.83 3.85
C GLU A 226 17.34 -8.63 4.77
N LEU A 227 17.22 -7.43 4.22
CA LEU A 227 17.34 -6.22 5.04
C LEU A 227 16.22 -6.13 6.07
N PHE A 228 15.01 -6.45 5.64
CA PHE A 228 13.89 -6.45 6.59
C PHE A 228 14.12 -7.45 7.72
N LEU A 229 14.57 -8.65 7.38
CA LEU A 229 14.77 -9.71 8.38
C LEU A 229 15.88 -9.36 9.37
N ARG A 230 16.90 -8.68 8.90
CA ARG A 230 18.11 -8.41 9.68
C ARG A 230 18.04 -7.12 10.48
N ALA A 231 17.45 -6.08 9.91
CA ALA A 231 17.55 -4.74 10.48
C ALA A 231 16.23 -4.10 10.90
N ILE A 232 15.14 -4.46 10.22
CA ILE A 232 13.90 -3.72 10.39
C ILE A 232 12.94 -4.44 11.34
N TYR A 233 12.71 -5.72 11.07
CA TYR A 233 11.91 -6.55 11.96
C TYR A 233 12.65 -6.74 13.28
N HIS A 234 11.95 -6.59 14.41
CA HIS A 234 12.56 -6.70 15.73
C HIS A 234 12.00 -7.92 16.44
N PRO A 235 12.75 -9.02 16.46
CA PRO A 235 12.19 -10.25 17.04
C PRO A 235 11.84 -10.14 18.52
N ALA A 236 12.47 -9.25 19.27
CA ALA A 236 12.14 -9.13 20.69
C ALA A 236 10.74 -8.58 20.94
N THR A 237 10.18 -7.83 19.99
CA THR A 237 8.88 -7.18 20.20
C THR A 237 7.82 -7.55 19.17
N GLY A 238 8.24 -8.10 18.04
CA GLY A 238 7.31 -8.43 16.98
C GLY A 238 6.80 -7.22 16.23
N HIS A 239 7.56 -6.13 16.25
CA HIS A 239 7.18 -4.94 15.53
C HIS A 239 8.30 -4.54 14.60
N LEU A 240 7.97 -3.75 13.60
CA LEU A 240 8.98 -3.15 12.75
C LEU A 240 9.51 -1.90 13.44
N ILE A 241 10.82 -1.69 13.34
CA ILE A 241 11.44 -0.44 13.72
C ILE A 241 11.21 0.53 12.56
N LEU A 242 10.86 1.78 12.86
CA LEU A 242 10.36 2.69 11.82
C LEU A 242 11.40 3.58 11.16
N PHE A 243 12.40 4.03 11.92
CA PHE A 243 13.41 4.95 11.38
C PHE A 243 14.81 4.58 11.83
N PHE A 244 15.81 4.92 11.02
CA PHE A 244 17.19 4.47 11.22
C PHE A 244 18.20 5.48 10.68
N ASP A 245 19.46 5.34 11.09
CA ASP A 245 20.52 6.04 10.37
C ASP A 245 20.98 5.22 9.17
N GLU A 246 22.03 5.67 8.48
CA GLU A 246 22.47 5.01 7.25
C GLU A 246 23.00 3.59 7.44
N ARG A 247 23.42 3.25 8.66
CA ARG A 247 23.90 1.90 8.94
C ARG A 247 22.84 1.06 9.64
N TRP A 248 21.60 1.52 9.56
CA TRP A 248 20.45 0.81 10.13
C TRP A 248 20.44 0.73 11.65
N ARG A 249 21.07 1.70 12.32
CA ARG A 249 20.94 1.80 13.76
C ARG A 249 19.59 2.42 14.04
N PRO A 250 18.80 1.81 14.96
CA PRO A 250 17.46 2.34 15.24
C PRO A 250 17.47 3.79 15.70
N ARG A 251 16.56 4.59 15.15
CA ARG A 251 16.41 5.99 15.53
C ARG A 251 14.97 6.30 15.91
N SER A 252 14.22 5.27 16.27
CA SER A 252 12.82 5.43 16.66
C SER A 252 12.40 4.30 17.59
N ARG A 253 11.44 4.55 18.48
CA ARG A 253 10.85 3.46 19.24
C ARG A 253 9.34 3.35 18.97
N ALA A 254 8.83 4.18 18.08
CA ALA A 254 7.40 4.15 17.75
C ALA A 254 7.01 2.82 17.13
N VAL A 255 5.73 2.49 17.25
CA VAL A 255 5.20 1.24 16.68
C VAL A 255 4.02 1.59 15.79
N SER A 256 3.99 1.03 14.59
CA SER A 256 2.87 1.26 13.66
C SER A 256 2.20 -0.08 13.40
N PHE A 257 1.03 -0.27 14.00
CA PHE A 257 0.34 -1.56 13.88
C PHE A 257 -0.06 -1.87 12.43
N GLY A 258 -0.50 -0.83 11.70
CA GLY A 258 -0.90 -1.02 10.32
C GLY A 258 0.24 -1.43 9.42
N HIS A 259 1.42 -0.85 9.63
CA HIS A 259 2.56 -1.22 8.81
C HIS A 259 3.07 -2.60 9.18
N ASP A 260 2.96 -2.96 10.45
CA ASP A 260 3.35 -4.32 10.87
C ASP A 260 2.54 -5.36 10.13
N ILE A 261 1.21 -5.17 10.10
CA ILE A 261 0.36 -6.19 9.50
C ILE A 261 0.42 -6.13 7.96
N GLU A 262 0.70 -4.95 7.40
CA GLU A 262 0.93 -4.82 5.95
C GLU A 262 2.19 -5.58 5.53
N ALA A 263 3.27 -5.36 6.27
CA ALA A 263 4.54 -5.99 5.98
C ALA A 263 4.42 -7.49 6.15
N SER A 264 3.60 -7.92 7.11
CA SER A 264 3.40 -9.34 7.37
C SER A 264 3.01 -10.09 6.10
N TRP A 265 2.10 -9.54 5.32
CA TRP A 265 1.74 -10.25 4.10
C TRP A 265 2.57 -9.86 2.86
N LEU A 266 3.00 -8.62 2.77
CA LEU A 266 3.81 -8.19 1.63
C LEU A 266 5.17 -8.90 1.59
N LEU A 267 5.79 -9.13 2.75
CA LEU A 267 7.09 -9.82 2.75
C LEU A 267 6.97 -11.24 2.19
N LEU A 268 5.89 -11.92 2.52
CA LEU A 268 5.65 -13.27 1.97
C LEU A 268 5.32 -13.23 0.48
N GLU A 269 4.56 -12.22 0.04
CA GLU A 269 4.32 -12.06 -1.39
C GLU A 269 5.65 -11.92 -2.11
N ALA A 270 6.56 -11.14 -1.53
CA ALA A 270 7.83 -10.89 -2.20
C ALA A 270 8.68 -12.15 -2.29
N VAL A 271 8.79 -12.91 -1.20
CA VAL A 271 9.58 -14.14 -1.28
C VAL A 271 8.97 -15.15 -2.24
N ASP A 272 7.64 -15.17 -2.36
CA ASP A 272 6.98 -16.13 -3.23
C ASP A 272 7.11 -15.76 -4.71
N VAL A 273 7.14 -14.47 -5.00
CA VAL A 273 7.40 -13.97 -6.34
C VAL A 273 8.77 -14.46 -6.81
N LEU A 274 9.74 -14.45 -5.90
CA LEU A 274 11.09 -14.94 -6.19
C LEU A 274 11.17 -16.47 -6.28
N GLY A 275 10.24 -17.15 -5.63
CA GLY A 275 10.31 -18.60 -5.50
C GLY A 275 11.48 -19.03 -4.62
N GLN A 276 11.80 -18.19 -3.64
CA GLN A 276 12.98 -18.40 -2.82
C GLN A 276 12.69 -19.31 -1.62
N ALA A 277 12.62 -20.61 -1.88
CA ALA A 277 12.24 -21.60 -0.87
C ALA A 277 13.14 -21.61 0.38
N THR A 278 14.41 -21.24 0.22
CA THR A 278 15.36 -21.27 1.33
C THR A 278 15.13 -20.11 2.30
N LEU A 279 14.69 -18.96 1.77
CA LEU A 279 14.41 -17.77 2.58
C LEU A 279 13.03 -17.85 3.23
N ARG A 280 12.14 -18.61 2.63
CA ARG A 280 10.74 -18.58 3.06
C ARG A 280 10.48 -18.90 4.55
N PRO A 281 11.12 -19.94 5.12
CA PRO A 281 10.79 -20.26 6.51
C PRO A 281 11.05 -19.10 7.46
N ARG A 282 12.14 -18.37 7.26
CA ARG A 282 12.47 -17.22 8.10
C ARG A 282 11.47 -16.09 7.90
N VAL A 283 11.09 -15.85 6.64
CA VAL A 283 10.10 -14.82 6.34
C VAL A 283 8.74 -15.18 6.93
N GLN A 284 8.32 -16.44 6.80
CA GLN A 284 7.04 -16.86 7.37
C GLN A 284 7.01 -16.70 8.89
N GLN A 285 8.13 -17.03 9.53
CA GLN A 285 8.22 -16.89 10.97
C GLN A 285 8.07 -15.44 11.39
N ALA A 286 8.78 -14.55 10.69
CA ALA A 286 8.70 -13.13 10.98
C ALA A 286 7.29 -12.61 10.67
N SER A 287 6.74 -13.03 9.54
CA SER A 287 5.39 -12.65 9.14
C SER A 287 4.35 -13.06 10.17
N LEU A 288 4.38 -14.31 10.61
CA LEU A 288 3.43 -14.75 11.62
C LEU A 288 3.61 -14.02 12.94
N HIS A 289 4.84 -13.71 13.28
CA HIS A 289 5.10 -12.96 14.51
C HIS A 289 4.48 -11.56 14.45
N LEU A 290 4.72 -10.85 13.35
CA LEU A 290 4.13 -9.53 13.15
C LEU A 290 2.60 -9.62 13.26
N ALA A 291 2.02 -10.66 12.67
CA ALA A 291 0.57 -10.83 12.74
C ALA A 291 0.11 -11.09 14.17
N ARG A 292 0.80 -11.97 14.90
CA ARG A 292 0.42 -12.22 16.29
C ARG A 292 0.62 -11.01 17.18
N ALA A 293 1.68 -10.26 16.94
CA ALA A 293 1.95 -9.09 17.78
C ALA A 293 0.84 -8.07 17.57
N THR A 294 0.42 -7.94 16.32
CA THR A 294 -0.68 -7.03 15.97
C THR A 294 -1.98 -7.46 16.64
N LEU A 295 -2.26 -8.76 16.58
CA LEU A 295 -3.43 -9.36 17.21
C LEU A 295 -3.49 -9.07 18.70
N ALA A 296 -2.34 -9.19 19.36
CA ALA A 296 -2.30 -9.12 20.83
C ALA A 296 -2.19 -7.70 21.35
N GLU A 297 -1.60 -6.80 20.58
CA GLU A 297 -1.25 -5.48 21.09
C GLU A 297 -1.86 -4.31 20.35
N GLY A 298 -2.32 -4.55 19.12
CA GLY A 298 -2.69 -3.45 18.27
C GLY A 298 -4.18 -3.28 18.08
N ARG A 299 -4.96 -4.10 18.76
CA ARG A 299 -6.40 -4.10 18.52
C ARG A 299 -7.24 -3.61 19.68
N ALA A 300 -8.33 -2.94 19.33
CA ALA A 300 -9.38 -2.56 20.29
C ALA A 300 -10.26 -3.78 20.55
N PRO A 301 -11.06 -3.74 21.64
CA PRO A 301 -11.94 -4.88 21.92
C PRO A 301 -12.89 -5.23 20.77
N ASP A 302 -13.24 -4.26 19.92
CA ASP A 302 -14.06 -4.52 18.75
C ASP A 302 -13.29 -5.17 17.58
N GLY A 303 -11.98 -5.32 17.74
CA GLY A 303 -11.17 -5.98 16.72
C GLY A 303 -10.57 -5.04 15.69
N SER A 304 -10.93 -3.76 15.78
CA SER A 304 -10.34 -2.76 14.90
C SER A 304 -8.92 -2.49 15.35
N LEU A 305 -8.11 -1.88 14.48
CA LEU A 305 -6.72 -1.59 14.80
C LEU A 305 -6.54 -0.16 15.25
N TYR A 306 -5.82 0.02 16.35
CA TYR A 306 -5.32 1.34 16.76
C TYR A 306 -4.27 1.85 15.77
N TYR A 307 -3.88 3.12 15.89
CA TYR A 307 -3.03 3.75 14.88
C TYR A 307 -1.54 3.55 15.13
N GLU A 308 -1.08 3.91 16.32
CA GLU A 308 0.35 3.80 16.61
C GLU A 308 0.59 3.84 18.09
N ILE A 309 1.78 3.43 18.50
CA ILE A 309 2.35 3.88 19.77
C ILE A 309 3.44 4.88 19.39
N GLY A 310 3.33 6.10 19.88
CA GLY A 310 4.26 7.13 19.49
C GLY A 310 5.60 7.05 20.20
N GLU A 311 6.49 7.99 19.89
CA GLU A 311 7.85 7.96 20.41
C GLU A 311 7.91 8.11 21.91
N GLN A 312 6.90 8.76 22.48
CA GLN A 312 6.84 8.92 23.93
C GLN A 312 5.97 7.86 24.58
N GLY A 313 5.48 6.91 23.77
CA GLY A 313 4.70 5.82 24.32
C GLY A 313 3.18 5.96 24.24
N HIS A 314 2.69 7.11 23.77
CA HIS A 314 1.24 7.35 23.74
C HIS A 314 0.57 6.49 22.70
N LEU A 315 -0.52 5.84 23.12
CA LEU A 315 -1.31 5.02 22.19
C LEU A 315 -2.29 5.94 21.47
N ASP A 316 -2.17 6.02 20.15
CA ASP A 316 -3.15 6.77 19.36
C ASP A 316 -4.28 5.83 19.02
N THR A 317 -5.45 6.06 19.61
CA THR A 317 -6.55 5.09 19.51
C THR A 317 -7.48 5.36 18.32
N ASP A 318 -7.18 6.40 17.55
CA ASP A 318 -7.93 6.65 16.31
C ASP A 318 -7.85 5.45 15.39
N ARG A 319 -8.98 5.13 14.77
CA ARG A 319 -9.02 4.09 13.73
C ARG A 319 -8.87 4.75 12.37
N HIS A 320 -7.68 4.65 11.80
CA HIS A 320 -7.49 5.17 10.46
C HIS A 320 -7.97 4.11 9.47
N TRP A 321 -8.34 4.54 8.26
CA TRP A 321 -8.96 3.61 7.32
C TRP A 321 -8.01 2.50 6.88
N TRP A 322 -6.75 2.86 6.62
CA TRP A 322 -5.84 1.92 5.97
C TRP A 322 -5.32 0.78 6.88
N PRO A 323 -5.12 1.03 8.19
CA PRO A 323 -4.73 -0.14 8.97
C PRO A 323 -5.83 -1.20 9.06
N GLN A 324 -7.09 -0.81 8.95
CA GLN A 324 -8.18 -1.78 8.94
C GLN A 324 -8.12 -2.61 7.66
N ALA A 325 -7.87 -1.94 6.54
CA ALA A 325 -7.75 -2.62 5.25
C ALA A 325 -6.58 -3.61 5.32
N GLU A 326 -5.46 -3.13 5.84
CA GLU A 326 -4.26 -3.97 5.86
C GLU A 326 -4.43 -5.15 6.79
N ALA A 327 -5.21 -4.95 7.86
CA ALA A 327 -5.49 -6.05 8.80
C ALA A 327 -6.38 -7.11 8.17
N LEU A 328 -7.32 -6.69 7.32
CA LEU A 328 -8.19 -7.64 6.62
C LEU A 328 -7.32 -8.62 5.83
N VAL A 329 -6.39 -8.09 5.04
CA VAL A 329 -5.53 -8.97 4.24
C VAL A 329 -4.54 -9.72 5.10
N GLY A 330 -3.90 -9.01 6.04
CA GLY A 330 -2.84 -9.59 6.85
C GLY A 330 -3.35 -10.71 7.73
N PHE A 331 -4.54 -10.54 8.29
CA PHE A 331 -5.11 -11.61 9.12
C PHE A 331 -5.58 -12.79 8.27
N LEU A 332 -6.20 -12.53 7.11
CA LEU A 332 -6.55 -13.64 6.22
C LEU A 332 -5.28 -14.37 5.78
N ASN A 333 -4.24 -13.62 5.45
CA ASN A 333 -2.97 -14.23 5.07
C ASN A 333 -2.41 -15.10 6.19
N ALA A 334 -2.43 -14.58 7.42
CA ALA A 334 -1.93 -15.35 8.55
C ALA A 334 -2.72 -16.65 8.75
N TYR A 335 -4.02 -16.58 8.51
CA TYR A 335 -4.83 -17.79 8.56
C TYR A 335 -4.37 -18.79 7.47
N GLN A 336 -4.14 -18.30 6.27
CA GLN A 336 -3.70 -19.15 5.16
C GLN A 336 -2.36 -19.80 5.45
N GLU A 337 -1.44 -19.04 6.05
CA GLU A 337 -0.11 -19.55 6.35
C GLU A 337 -0.05 -20.54 7.51
N SER A 338 -0.81 -20.24 8.57
CA SER A 338 -0.68 -20.99 9.82
C SER A 338 -1.74 -22.06 9.99
N GLY A 339 -2.87 -21.86 9.31
CA GLY A 339 -4.03 -22.72 9.51
C GLY A 339 -4.81 -22.40 10.79
N GLU A 340 -4.36 -21.39 11.52
CA GLU A 340 -4.96 -21.08 12.82
C GLU A 340 -6.17 -20.18 12.65
N VAL A 341 -7.35 -20.72 12.93
CA VAL A 341 -8.61 -20.07 12.60
C VAL A 341 -8.85 -18.81 13.44
N LEU A 342 -8.10 -18.62 14.52
CA LEU A 342 -8.20 -17.36 15.27
C LEU A 342 -7.85 -16.16 14.40
N PHE A 343 -7.01 -16.37 13.38
CA PHE A 343 -6.70 -15.29 12.44
C PHE A 343 -7.89 -15.00 11.53
N TYR A 344 -8.65 -16.04 11.18
CA TYR A 344 -9.84 -15.82 10.34
C TYR A 344 -10.84 -15.03 11.17
N GLU A 345 -10.98 -15.40 12.44
CA GLU A 345 -11.92 -14.71 13.33
C GLU A 345 -11.54 -13.24 13.48
N ALA A 346 -10.25 -12.97 13.55
CA ALA A 346 -9.75 -11.59 13.60
C ALA A 346 -10.07 -10.82 12.31
N ALA A 347 -9.94 -11.49 11.17
CA ALA A 347 -10.25 -10.86 9.89
C ALA A 347 -11.74 -10.53 9.83
N GLU A 348 -12.56 -11.46 10.31
CA GLU A 348 -14.00 -11.25 10.33
C GLU A 348 -14.35 -10.07 11.22
N ASP A 349 -13.68 -9.95 12.36
CA ASP A 349 -13.95 -8.86 13.29
C ASP A 349 -13.57 -7.50 12.70
N VAL A 350 -12.41 -7.43 12.04
CA VAL A 350 -12.05 -6.15 11.41
C VAL A 350 -13.03 -5.80 10.28
N TRP A 351 -13.50 -6.81 9.55
CA TRP A 351 -14.45 -6.55 8.48
C TRP A 351 -15.76 -6.01 9.05
N ARG A 352 -16.23 -6.62 10.13
CA ARG A 352 -17.45 -6.10 10.76
C ARG A 352 -17.27 -4.66 11.22
N TYR A 353 -16.10 -4.33 11.77
CA TYR A 353 -15.79 -2.95 12.10
C TYR A 353 -15.80 -2.03 10.89
N ILE A 354 -15.20 -2.48 9.78
CA ILE A 354 -15.18 -1.70 8.56
C ILE A 354 -16.62 -1.39 8.12
N ARG A 355 -17.46 -2.42 8.12
CA ARG A 355 -18.85 -2.26 7.67
C ARG A 355 -19.68 -1.39 8.61
N GLU A 356 -19.48 -1.55 9.92
CA GLU A 356 -20.31 -0.83 10.88
C GLU A 356 -19.83 0.56 11.24
N ARG A 357 -18.52 0.81 11.12
CA ARG A 357 -17.94 2.06 11.58
C ARG A 357 -17.09 2.81 10.55
N GLN A 358 -16.21 2.11 9.85
CA GLN A 358 -15.27 2.81 8.98
C GLN A 358 -15.85 3.28 7.67
N ARG A 359 -16.72 2.48 7.05
CA ARG A 359 -17.27 2.91 5.78
C ARG A 359 -18.26 4.04 6.02
N ASP A 360 -18.31 4.97 5.08
CA ASP A 360 -19.26 6.08 5.13
C ASP A 360 -20.41 5.78 4.20
N THR A 361 -21.50 5.25 4.74
CA THR A 361 -22.63 4.86 3.92
C THR A 361 -23.33 6.09 3.34
N ARG A 362 -23.39 7.17 4.12
CA ARG A 362 -24.06 8.39 3.67
C ARG A 362 -23.34 9.04 2.50
N GLY A 363 -22.04 9.29 2.67
CA GLY A 363 -21.27 10.06 1.71
C GLY A 363 -20.39 9.24 0.77
N GLY A 364 -20.33 7.93 0.97
CA GLY A 364 -19.54 7.09 0.09
C GLY A 364 -18.10 6.87 0.54
N GLU A 365 -17.49 5.78 0.05
CA GLU A 365 -16.11 5.44 0.39
C GLU A 365 -15.99 5.16 1.90
N TRP A 366 -14.78 5.30 2.44
CA TRP A 366 -14.55 5.05 3.86
C TRP A 366 -14.05 6.32 4.53
N PHE A 367 -14.45 6.53 5.78
CA PHE A 367 -13.90 7.63 6.57
C PHE A 367 -12.41 7.45 6.76
N ALA A 368 -11.65 8.53 6.62
CA ALA A 368 -10.21 8.46 6.87
C ALA A 368 -9.89 8.07 8.32
N ARG A 369 -10.66 8.60 9.27
CA ARG A 369 -10.41 8.35 10.69
C ARG A 369 -11.70 8.30 11.51
N VAL A 370 -11.78 7.35 12.42
CA VAL A 370 -12.89 7.30 13.36
C VAL A 370 -12.31 7.32 14.77
N ARG A 371 -12.87 8.18 15.63
CA ARG A 371 -12.40 8.28 17.02
C ARG A 371 -12.78 7.06 17.87
N ASP A 372 -12.08 6.87 18.98
CA ASP A 372 -12.30 5.72 19.85
C ASP A 372 -13.76 5.60 20.32
N ASP A 373 -14.44 6.74 20.41
CA ASP A 373 -15.83 6.75 20.86
C ASP A 373 -16.83 6.51 19.73
N GLY A 374 -16.32 6.39 18.50
CA GLY A 374 -17.17 6.09 17.36
C GLY A 374 -17.42 7.27 16.43
N ALA A 375 -17.02 8.46 16.85
CA ALA A 375 -17.25 9.66 16.03
C ALA A 375 -16.28 9.78 14.86
N PRO A 376 -16.81 9.84 13.63
CA PRO A 376 -15.95 10.06 12.46
C PRO A 376 -15.36 11.46 12.50
N TYR A 377 -14.08 11.60 12.17
CA TYR A 377 -13.49 12.93 12.02
C TYR A 377 -13.88 13.51 10.67
N PRO A 378 -14.02 14.84 10.60
CA PRO A 378 -14.34 15.53 9.34
C PRO A 378 -13.10 15.73 8.46
N ASP A 379 -12.39 14.64 8.16
CA ASP A 379 -11.21 14.70 7.32
C ASP A 379 -11.62 14.66 5.85
N ASP A 380 -10.71 15.04 4.97
CA ASP A 380 -10.94 14.88 3.54
C ASP A 380 -11.21 13.40 3.19
N LYS A 381 -12.04 13.19 2.16
CA LYS A 381 -12.31 11.83 1.66
C LYS A 381 -11.25 11.37 0.68
N VAL A 382 -10.65 12.32 -0.03
CA VAL A 382 -9.56 12.02 -0.96
C VAL A 382 -8.53 13.11 -0.74
N ASP A 383 -7.25 12.74 -0.64
CA ASP A 383 -6.21 13.75 -0.59
C ASP A 383 -4.87 13.11 -0.98
N PHE A 384 -3.78 13.84 -0.76
CA PHE A 384 -2.45 13.38 -1.13
C PHE A 384 -2.19 11.94 -0.67
N TRP A 385 -2.63 11.64 0.55
CA TRP A 385 -2.34 10.37 1.17
C TRP A 385 -3.52 9.39 1.25
N LYS A 386 -4.67 9.79 0.73
CA LYS A 386 -5.84 8.90 0.79
C LYS A 386 -6.37 8.64 -0.62
N GLY A 387 -6.06 7.45 -1.13
CA GLY A 387 -6.49 7.05 -2.46
C GLY A 387 -7.33 5.79 -2.35
N PRO A 388 -7.48 5.05 -3.45
CA PRO A 388 -8.31 3.85 -3.43
C PRO A 388 -7.49 2.58 -3.26
N TYR A 389 -6.20 2.71 -3.00
CA TYR A 389 -5.29 1.59 -3.02
C TYR A 389 -5.36 0.69 -1.78
N HIS A 390 -5.24 1.24 -0.58
CA HIS A 390 -5.26 0.37 0.59
C HIS A 390 -6.57 -0.41 0.69
N ASN A 391 -7.69 0.28 0.59
CA ASN A 391 -8.97 -0.41 0.74
C ASN A 391 -9.35 -1.20 -0.51
N GLY A 392 -9.04 -0.67 -1.69
CA GLY A 392 -9.30 -1.41 -2.92
C GLY A 392 -8.50 -2.70 -3.00
N ARG A 393 -7.20 -2.62 -2.72
CA ARG A 393 -6.36 -3.81 -2.73
C ARG A 393 -6.80 -4.80 -1.68
N ALA A 394 -7.20 -4.30 -0.52
CA ALA A 394 -7.60 -5.19 0.55
C ALA A 394 -8.81 -6.01 0.16
N CYS A 395 -9.77 -5.37 -0.51
CA CYS A 395 -10.95 -6.09 -0.99
C CYS A 395 -10.59 -7.09 -2.07
N LEU A 396 -9.75 -6.67 -3.02
CA LEU A 396 -9.34 -7.56 -4.09
C LEU A 396 -8.60 -8.77 -3.53
N GLU A 397 -7.68 -8.53 -2.60
CA GLU A 397 -6.93 -9.63 -1.98
C GLU A 397 -7.84 -10.57 -1.24
N ALA A 398 -8.77 -10.03 -0.46
CA ALA A 398 -9.68 -10.87 0.32
C ALA A 398 -10.54 -11.74 -0.58
N ILE A 399 -11.05 -11.15 -1.66
CA ILE A 399 -11.91 -11.89 -2.59
C ILE A 399 -11.16 -13.08 -3.16
N GLN A 400 -9.90 -12.88 -3.53
CA GLN A 400 -9.10 -13.93 -4.14
C GLN A 400 -8.69 -14.98 -3.11
N ARG A 401 -8.36 -14.54 -1.91
CA ARG A 401 -7.98 -15.48 -0.85
C ARG A 401 -9.18 -16.33 -0.43
N LEU A 402 -10.35 -15.72 -0.34
CA LEU A 402 -11.56 -16.46 0.01
C LEU A 402 -11.94 -17.41 -1.12
N ARG A 403 -11.66 -17.04 -2.37
CA ARG A 403 -11.89 -17.95 -3.48
C ARG A 403 -11.03 -19.21 -3.32
N HIS A 404 -9.77 -19.03 -2.94
CA HIS A 404 -8.89 -20.17 -2.76
C HIS A 404 -9.38 -21.04 -1.61
N LEU A 405 -9.76 -20.40 -0.50
CA LEU A 405 -10.24 -21.16 0.65
C LEU A 405 -11.50 -21.95 0.28
N LEU A 406 -12.38 -21.33 -0.51
CA LEU A 406 -13.60 -22.02 -0.92
C LEU A 406 -13.27 -23.26 -1.75
N GLU A 407 -12.09 -23.28 -2.35
CA GLU A 407 -11.65 -24.41 -3.18
C GLU A 407 -11.03 -25.56 -2.40
N HIS A 408 -10.85 -25.39 -1.09
CA HIS A 408 -10.41 -26.49 -0.24
C HIS A 408 -11.54 -27.52 -0.09
N VAL A 409 -12.74 -27.15 -0.52
CA VAL A 409 -13.91 -28.00 -0.38
C VAL A 409 -14.25 -28.71 -1.68
#